data_1QN9
#
_entry.id   1QN9
#
_cell.length_a   41.800
_cell.length_b   146.700
_cell.length_c   57.400
_cell.angle_alpha   90.00
_cell.angle_beta   90.50
_cell.angle_gamma   90.00
#
_symmetry.space_group_name_H-M   'P 1 21 1'
#
loop_
_entity.id
_entity.type
_entity.pdbx_description
1 polymer 'TRANSCRIPTION INITIATION FACTOR TFIID-1'
2 polymer "DNA (5'-D(*GP*CP*TP*AP*CP*AP*AP*AP*AP*GP*GP*GP*CP*A)-3')"
3 polymer "DNA (5'-D(*TP*GP*CP*CP*CP*TP*TP*TP*TP*GP*TP*AP*GP*C)-3')"
4 water water
#
loop_
_entity_poly.entity_id
_entity_poly.type
_entity_poly.pdbx_seq_one_letter_code
_entity_poly.pdbx_strand_id
1 'polypeptide(L)'
;MTDQGLEGSNPVDLSKHPSGIVPTLQNIVSTVNLDCKLDLKAIALQARNAEYNPKRFAAVIMRIREPKTTALIFASGKMV
CTGAKSEDFSKMAARKYARIVQKLGFPAKFKDFKIQNIVGSCDVKFPIRLEGLAYSHAAFSSYEPELFPGLIYRMKVPKI
VLLIFVSGKIVITGAKMRDETYKAFENIYPVLSEFRKIQQ
;
A,B
2 'polydeoxyribonucleotide' (DG)(DC)(DT)(DA)(DC)(DA)(DA)(DA)(DA)(DG)(DG)(DG)(DC)(DA) C,E
3 'polydeoxyribonucleotide' (DT)(DG)(DC)(DC)(DC)(DT)(DT)(DT)(DT)(DG)(DT)(DA)(DG)(DC) D,F
#
# COMPACT_ATOMS: atom_id res chain seq x y z
N LYS A 16 -6.04 8.22 7.13
CA LYS A 16 -5.06 9.32 6.91
C LYS A 16 -3.73 8.84 6.30
N HIS A 17 -3.19 7.73 6.82
CA HIS A 17 -1.93 7.20 6.31
C HIS A 17 -2.08 5.69 6.09
N PRO A 18 -2.72 5.27 4.99
CA PRO A 18 -2.96 3.86 4.59
C PRO A 18 -1.75 2.95 4.56
N SER A 19 -0.62 3.47 4.09
CA SER A 19 0.62 2.70 4.03
C SER A 19 1.17 2.41 5.42
N GLY A 20 0.67 3.14 6.42
CA GLY A 20 1.15 2.98 7.78
C GLY A 20 2.52 3.61 7.98
N ILE A 21 2.84 4.61 7.16
CA ILE A 21 4.12 5.32 7.24
C ILE A 21 3.86 6.82 7.15
N VAL A 22 4.48 7.58 8.04
CA VAL A 22 4.33 9.03 8.03
C VAL A 22 5.68 9.70 7.73
N PRO A 23 5.77 10.39 6.58
CA PRO A 23 7.01 11.09 6.20
C PRO A 23 7.36 12.07 7.33
N THR A 24 8.64 12.15 7.67
CA THR A 24 9.15 13.07 8.69
C THR A 24 9.45 14.43 8.05
N LEU A 25 8.95 15.51 8.61
CA LEU A 25 9.24 16.83 8.02
C LEU A 25 10.68 17.16 8.40
N GLN A 26 11.49 17.51 7.39
CA GLN A 26 12.93 17.79 7.56
C GLN A 26 13.39 19.23 7.41
N ASN A 27 12.70 20.00 6.61
CA ASN A 27 13.09 21.39 6.38
C ASN A 27 11.87 22.16 5.95
N ILE A 28 11.76 23.38 6.45
CA ILE A 28 10.65 24.21 6.07
C ILE A 28 11.21 25.54 5.62
N VAL A 29 10.63 26.09 4.56
CA VAL A 29 11.03 27.40 4.04
C VAL A 29 9.79 28.33 4.10
N SER A 30 9.94 29.48 4.75
CA SER A 30 8.85 30.43 4.87
C SER A 30 9.35 31.83 4.60
N THR A 31 8.42 32.76 4.47
CA THR A 31 8.75 34.14 4.22
C THR A 31 7.73 34.97 4.99
N VAL A 32 8.13 36.19 5.36
CA VAL A 32 7.26 37.13 6.04
C VAL A 32 7.73 38.50 5.62
N ASN A 33 6.84 39.46 5.73
CA ASN A 33 7.12 40.84 5.35
C ASN A 33 7.22 41.66 6.61
N LEU A 34 8.43 42.13 6.94
CA LEU A 34 8.62 42.92 8.14
C LEU A 34 7.96 44.31 7.95
N ASP A 35 7.55 44.57 6.72
CA ASP A 35 6.87 45.78 6.35
C ASP A 35 7.56 47.06 6.81
N CYS A 36 8.83 47.21 6.42
CA CYS A 36 9.64 48.39 6.73
C CYS A 36 10.99 48.19 6.05
N LYS A 37 11.60 49.29 5.63
CA LYS A 37 12.89 49.20 4.98
C LYS A 37 13.90 49.03 6.08
N LEU A 38 14.95 48.28 5.81
CA LEU A 38 15.95 48.00 6.83
C LEU A 38 17.31 48.41 6.34
N ASP A 39 18.15 48.82 7.27
CA ASP A 39 19.52 49.21 6.94
C ASP A 39 20.31 47.95 7.25
N LEU A 40 20.73 47.25 6.22
CA LEU A 40 21.47 46.00 6.42
C LEU A 40 22.87 46.14 7.04
N LYS A 41 23.62 47.16 6.64
CA LYS A 41 24.95 47.32 7.20
C LYS A 41 24.86 47.63 8.70
N ALA A 42 23.85 48.39 9.10
CA ALA A 42 23.63 48.73 10.49
C ALA A 42 23.28 47.48 11.31
N ILE A 43 22.44 46.62 10.73
CA ILE A 43 22.03 45.38 11.38
C ILE A 43 23.22 44.44 11.48
N ALA A 44 24.04 44.45 10.43
CA ALA A 44 25.24 43.64 10.32
C ALA A 44 26.31 44.08 11.31
N LEU A 45 26.20 45.33 11.79
CA LEU A 45 27.18 45.84 12.74
C LEU A 45 26.71 45.67 14.20
N GLN A 46 25.42 45.89 14.44
CA GLN A 46 24.85 45.75 15.77
C GLN A 46 24.71 44.31 16.22
N ALA A 47 24.47 43.40 15.29
CA ALA A 47 24.31 41.99 15.64
C ALA A 47 25.58 41.13 15.56
N ARG A 48 25.74 40.19 16.49
CA ARG A 48 26.89 39.29 16.40
C ARG A 48 26.38 38.01 15.74
N ASN A 49 25.08 37.74 15.86
CA ASN A 49 24.48 36.58 15.21
C ASN A 49 24.08 37.01 13.79
N ALA A 50 25.00 37.60 13.03
CA ALA A 50 24.71 38.08 11.67
C ALA A 50 25.90 38.24 10.71
N GLU A 51 25.64 38.02 9.42
CA GLU A 51 26.67 38.12 8.39
C GLU A 51 26.14 38.93 7.21
N TYR A 52 27.05 39.56 6.45
CA TYR A 52 26.66 40.39 5.32
C TYR A 52 27.82 40.72 4.36
N ASN A 53 27.65 40.34 3.10
CA ASN A 53 28.62 40.61 2.05
C ASN A 53 27.77 40.87 0.83
N PRO A 54 27.32 42.11 0.66
CA PRO A 54 26.49 42.48 -0.47
C PRO A 54 27.11 42.10 -1.80
N LYS A 55 28.44 42.06 -1.87
CA LYS A 55 29.09 41.70 -3.14
C LYS A 55 28.71 40.27 -3.50
N ARG A 56 28.48 39.45 -2.48
CA ARG A 56 28.13 38.08 -2.72
C ARG A 56 26.61 37.82 -2.77
N PHE A 57 25.85 38.43 -1.85
CA PHE A 57 24.39 38.25 -1.79
C PHE A 57 23.77 39.43 -1.07
N ALA A 58 22.58 39.81 -1.53
CA ALA A 58 21.81 40.94 -1.00
C ALA A 58 21.23 40.83 0.43
N ALA A 59 21.41 39.72 1.12
CA ALA A 59 20.84 39.62 2.45
C ALA A 59 21.82 39.55 3.60
N VAL A 60 21.31 39.83 4.80
CA VAL A 60 22.08 39.67 6.02
C VAL A 60 21.69 38.22 6.40
N ILE A 61 22.68 37.37 6.63
CA ILE A 61 22.39 35.98 7.02
C ILE A 61 22.46 35.98 8.54
N MET A 62 21.38 35.52 9.19
CA MET A 62 21.29 35.50 10.63
C MET A 62 20.81 34.12 11.10
N ARG A 63 21.27 33.66 12.26
CA ARG A 63 20.88 32.33 12.75
C ARG A 63 20.54 32.30 14.24
N ILE A 64 19.59 31.46 14.64
CA ILE A 64 19.24 31.29 16.05
C ILE A 64 19.32 29.79 16.37
N ARG A 65 19.55 29.48 17.63
CA ARG A 65 19.68 28.10 18.10
C ARG A 65 18.39 27.32 18.21
N GLU A 66 17.34 27.96 18.71
CA GLU A 66 16.05 27.30 18.91
C GLU A 66 14.88 28.16 18.49
N PRO A 67 14.12 27.72 17.48
CA PRO A 67 14.34 26.46 16.74
C PRO A 67 15.56 26.70 15.84
N LYS A 68 16.36 25.68 15.59
CA LYS A 68 17.55 25.90 14.77
C LYS A 68 17.18 26.30 13.36
N THR A 69 17.43 27.57 13.02
CA THR A 69 17.10 28.09 11.68
C THR A 69 18.09 29.14 11.18
N THR A 70 17.93 29.55 9.92
CA THR A 70 18.75 30.57 9.28
C THR A 70 17.83 31.51 8.49
N ALA A 71 17.93 32.81 8.77
CA ALA A 71 17.12 33.79 8.07
C ALA A 71 17.96 34.60 7.09
N LEU A 72 17.34 34.97 5.97
CA LEU A 72 17.98 35.80 4.94
C LEU A 72 17.13 37.06 5.07
N ILE A 73 17.75 38.14 5.52
CA ILE A 73 17.07 39.41 5.77
C ILE A 73 17.46 40.43 4.73
N PHE A 74 16.45 40.98 4.06
CA PHE A 74 16.65 41.96 2.99
C PHE A 74 16.32 43.42 3.35
N ALA A 75 16.93 44.35 2.61
CA ALA A 75 16.73 45.80 2.82
C ALA A 75 15.26 46.20 2.65
N SER A 76 14.60 45.55 1.70
CA SER A 76 13.19 45.77 1.41
C SER A 76 12.31 45.44 2.60
N GLY A 77 12.87 44.80 3.62
CA GLY A 77 12.07 44.43 4.77
C GLY A 77 11.57 43.01 4.67
N LYS A 78 11.77 42.37 3.54
CA LYS A 78 11.34 40.98 3.39
C LYS A 78 12.36 40.02 4.05
N MET A 79 11.88 38.84 4.44
CA MET A 79 12.75 37.89 5.10
C MET A 79 12.42 36.44 4.77
N VAL A 80 13.43 35.63 4.54
CA VAL A 80 13.26 34.20 4.26
C VAL A 80 13.77 33.41 5.47
N CYS A 81 12.99 32.44 5.96
CA CYS A 81 13.39 31.61 7.09
C CYS A 81 13.53 30.14 6.64
N THR A 82 14.70 29.55 6.90
CA THR A 82 15.03 28.18 6.49
C THR A 82 15.50 27.27 7.65
N GLY A 83 15.38 25.97 7.45
CA GLY A 83 15.85 24.99 8.43
C GLY A 83 14.92 24.41 9.50
N ALA A 84 13.76 25.02 9.77
CA ALA A 84 12.84 24.50 10.79
C ALA A 84 12.31 23.12 10.44
N LYS A 85 11.95 22.35 11.46
CA LYS A 85 11.43 21.00 11.27
C LYS A 85 9.90 20.95 11.19
N SER A 86 9.22 22.08 11.32
CA SER A 86 7.75 22.12 11.21
C SER A 86 7.29 23.52 10.83
N GLU A 87 6.04 23.65 10.40
CA GLU A 87 5.49 24.95 10.00
C GLU A 87 5.42 25.90 11.20
N ASP A 88 5.00 25.38 12.34
CA ASP A 88 4.89 26.17 13.55
C ASP A 88 6.26 26.64 14.03
N PHE A 89 7.25 25.76 13.93
CA PHE A 89 8.62 26.10 14.30
C PHE A 89 9.18 27.20 13.41
N SER A 90 8.82 27.13 12.12
CA SER A 90 9.23 28.11 11.17
C SER A 90 8.63 29.48 11.50
N LYS A 91 7.33 29.52 11.79
CA LYS A 91 6.67 30.78 12.12
C LYS A 91 7.26 31.38 13.40
N MET A 92 7.53 30.51 14.36
CA MET A 92 8.12 30.87 15.64
C MET A 92 9.49 31.51 15.48
N ALA A 93 10.32 30.87 14.66
CA ALA A 93 11.66 31.37 14.39
C ALA A 93 11.58 32.71 13.65
N ALA A 94 10.63 32.85 12.72
CA ALA A 94 10.43 34.10 11.99
C ALA A 94 10.10 35.28 12.96
N ARG A 95 9.17 35.07 13.90
CA ARG A 95 8.78 36.06 14.90
C ARG A 95 9.99 36.48 15.77
N LYS A 96 10.83 35.50 16.13
CA LYS A 96 12.03 35.76 16.92
C LYS A 96 13.01 36.65 16.16
N TYR A 97 13.16 36.41 14.86
CA TYR A 97 14.04 37.23 14.01
C TYR A 97 13.42 38.62 13.95
N ALA A 98 12.10 38.67 13.82
CA ALA A 98 11.37 39.92 13.75
C ALA A 98 11.54 40.72 15.04
N ARG A 99 11.62 40.02 16.18
CA ARG A 99 11.82 40.65 17.51
C ARG A 99 13.25 41.21 17.63
N ILE A 100 14.22 40.48 17.05
CA ILE A 100 15.64 40.87 17.02
C ILE A 100 15.79 42.14 16.19
N VAL A 101 15.08 42.21 15.07
CA VAL A 101 15.15 43.38 14.20
C VAL A 101 14.56 44.62 14.91
N GLN A 102 13.50 44.40 15.68
CA GLN A 102 12.86 45.47 16.44
C GLN A 102 13.81 46.01 17.49
N LYS A 103 14.36 45.12 18.32
CA LYS A 103 15.30 45.55 19.36
C LYS A 103 16.39 46.44 18.79
N LEU A 104 16.63 46.33 17.48
CA LEU A 104 17.68 47.07 16.77
C LEU A 104 17.28 48.48 16.30
N GLY A 105 16.03 48.88 16.52
CA GLY A 105 15.63 50.21 16.11
C GLY A 105 14.69 50.33 14.94
N PHE A 106 14.19 49.21 14.42
CA PHE A 106 13.27 49.26 13.28
C PHE A 106 11.86 48.89 13.71
N PRO A 107 10.86 49.58 13.16
CA PRO A 107 9.43 49.36 13.46
C PRO A 107 8.92 48.14 12.69
N ALA A 108 9.48 46.98 13.03
CA ALA A 108 9.17 45.73 12.37
C ALA A 108 7.84 45.12 12.80
N LYS A 109 7.09 44.63 11.80
CA LYS A 109 5.80 44.00 12.01
C LYS A 109 5.95 42.54 11.53
N PHE A 110 4.87 41.91 11.15
CA PHE A 110 4.92 40.51 10.71
C PHE A 110 3.78 40.31 9.74
N LYS A 111 3.97 40.81 8.53
CA LYS A 111 2.92 40.75 7.54
C LYS A 111 3.03 39.61 6.54
N ASP A 112 1.88 38.99 6.28
CA ASP A 112 1.78 37.90 5.32
C ASP A 112 2.78 36.74 5.51
N PHE A 113 2.87 36.20 6.72
CA PHE A 113 3.76 35.05 6.95
C PHE A 113 3.25 33.88 6.11
N LYS A 114 4.12 33.25 5.32
CA LYS A 114 3.69 32.17 4.45
C LYS A 114 4.67 31.02 4.33
N ILE A 115 4.17 29.81 4.42
CA ILE A 115 5.02 28.63 4.26
C ILE A 115 5.23 28.48 2.75
N GLN A 116 6.49 28.54 2.32
CA GLN A 116 6.82 28.44 0.91
C GLN A 116 7.21 27.03 0.42
N ASN A 117 7.78 26.21 1.28
CA ASN A 117 8.19 24.87 0.89
C ASN A 117 8.42 23.98 2.13
N ILE A 118 8.02 22.72 2.00
CA ILE A 118 8.17 21.74 3.07
C ILE A 118 8.88 20.55 2.44
N VAL A 119 9.87 20.01 3.14
CA VAL A 119 10.64 18.87 2.65
C VAL A 119 10.42 17.73 3.61
N GLY A 120 10.07 16.55 3.13
CA GLY A 120 9.88 15.42 4.02
C GLY A 120 10.63 14.19 3.52
N SER A 121 10.76 13.16 4.33
CA SER A 121 11.45 11.96 3.91
C SER A 121 10.96 10.78 4.74
N CYS A 122 11.08 9.58 4.19
CA CYS A 122 10.67 8.37 4.89
C CYS A 122 11.42 7.17 4.31
N ASP A 123 11.21 6.01 4.92
CA ASP A 123 11.89 4.77 4.55
C ASP A 123 10.83 3.68 4.38
N VAL A 124 10.67 3.15 3.18
CA VAL A 124 9.68 2.09 2.95
C VAL A 124 10.21 0.73 3.35
N LYS A 125 11.47 0.67 3.74
CA LYS A 125 12.12 -0.55 4.21
C LYS A 125 12.16 -1.69 3.19
N PHE A 126 12.32 -1.35 1.92
CA PHE A 126 12.48 -2.34 0.87
C PHE A 126 13.17 -1.67 -0.30
N PRO A 127 13.97 -2.44 -1.05
CA PRO A 127 14.72 -1.93 -2.22
C PRO A 127 13.79 -1.69 -3.41
N ILE A 128 14.15 -0.72 -4.24
CA ILE A 128 13.35 -0.38 -5.41
C ILE A 128 14.15 -0.54 -6.69
N ARG A 129 13.51 -1.13 -7.70
CA ARG A 129 14.09 -1.30 -9.02
C ARG A 129 13.79 0.01 -9.75
N LEU A 130 14.65 1.01 -9.58
CA LEU A 130 14.50 2.34 -10.17
C LEU A 130 14.33 2.37 -11.69
N GLU A 131 15.02 1.47 -12.36
CA GLU A 131 14.99 1.36 -13.82
C GLU A 131 13.59 0.98 -14.25
N GLY A 132 13.03 -0.05 -13.63
CA GLY A 132 11.69 -0.48 -13.96
C GLY A 132 10.62 0.57 -13.70
N LEU A 133 10.76 1.29 -12.59
CA LEU A 133 9.83 2.34 -12.21
C LEU A 133 9.86 3.44 -13.24
N ALA A 134 11.05 3.89 -13.60
CA ALA A 134 11.18 4.97 -14.57
C ALA A 134 10.59 4.58 -15.92
N TYR A 135 10.84 3.37 -16.36
CA TYR A 135 10.35 2.89 -17.64
C TYR A 135 8.82 2.93 -17.70
N SER A 136 8.17 2.42 -16.65
CA SER A 136 6.72 2.42 -16.61
C SER A 136 6.08 3.78 -16.40
N HIS A 137 6.85 4.74 -15.89
CA HIS A 137 6.37 6.11 -15.63
C HIS A 137 7.32 7.10 -16.28
N ALA A 138 7.45 6.97 -17.59
CA ALA A 138 8.35 7.81 -18.35
C ALA A 138 7.96 9.28 -18.32
N ALA A 139 6.66 9.57 -18.38
CA ALA A 139 6.19 10.96 -18.37
C ALA A 139 6.38 11.67 -17.02
N PHE A 140 6.90 10.98 -16.01
CA PHE A 140 7.07 11.58 -14.70
C PHE A 140 8.48 11.41 -14.19
N SER A 141 9.16 10.40 -14.73
CA SER A 141 10.49 10.01 -14.29
C SER A 141 11.75 10.55 -15.00
N SER A 142 12.77 10.83 -14.21
CA SER A 142 14.06 11.26 -14.71
C SER A 142 15.05 10.41 -13.95
N TYR A 143 15.60 9.41 -14.62
CA TYR A 143 16.57 8.56 -13.97
C TYR A 143 17.86 8.47 -14.79
N GLU A 144 18.90 9.17 -14.36
CA GLU A 144 20.19 9.13 -15.05
C GLU A 144 21.16 8.83 -13.94
N PRO A 145 21.29 7.54 -13.55
CA PRO A 145 22.18 7.07 -12.48
C PRO A 145 23.65 7.45 -12.50
N GLU A 146 24.18 7.83 -13.67
CA GLU A 146 25.57 8.22 -13.75
C GLU A 146 25.76 9.68 -13.32
N LEU A 147 24.63 10.38 -13.22
CA LEU A 147 24.60 11.77 -12.81
C LEU A 147 24.20 11.84 -11.32
N PHE A 148 23.03 11.29 -11.01
CA PHE A 148 22.51 11.29 -9.65
C PHE A 148 21.90 9.90 -9.43
N PRO A 149 22.27 9.23 -8.35
CA PRO A 149 21.79 7.89 -8.02
C PRO A 149 20.26 7.76 -7.78
N GLY A 150 19.56 8.88 -7.66
CA GLY A 150 18.12 8.80 -7.44
C GLY A 150 17.27 9.08 -8.66
N LEU A 151 16.06 8.55 -8.63
CA LEU A 151 15.09 8.77 -9.69
C LEU A 151 14.28 10.00 -9.29
N ILE A 152 14.17 10.95 -10.21
CA ILE A 152 13.42 12.18 -9.97
C ILE A 152 12.00 11.99 -10.48
N TYR A 153 11.05 11.96 -9.56
CA TYR A 153 9.65 11.79 -9.92
C TYR A 153 8.87 13.08 -9.74
N ARG A 154 8.44 13.67 -10.84
CA ARG A 154 7.66 14.90 -10.80
C ARG A 154 6.18 14.57 -10.90
N MET A 155 5.54 14.44 -9.73
CA MET A 155 4.12 14.09 -9.62
C MET A 155 3.25 15.27 -9.95
N LYS A 156 2.15 15.02 -10.64
CA LYS A 156 1.29 16.12 -11.01
C LYS A 156 0.18 16.49 -10.03
N VAL A 157 -0.37 15.50 -9.33
CA VAL A 157 -1.39 15.77 -8.34
C VAL A 157 -1.07 14.90 -7.14
N PRO A 158 -0.60 15.52 -6.04
CA PRO A 158 -0.39 16.99 -6.00
C PRO A 158 0.89 17.35 -6.77
N LYS A 159 1.11 18.64 -7.07
CA LYS A 159 2.31 19.00 -7.80
C LYS A 159 3.50 18.89 -6.83
N ILE A 160 4.12 17.72 -6.80
CA ILE A 160 5.21 17.41 -5.88
C ILE A 160 6.37 16.64 -6.53
N VAL A 161 7.59 16.92 -6.10
CA VAL A 161 8.75 16.22 -6.64
C VAL A 161 9.27 15.24 -5.60
N LEU A 162 9.46 13.98 -5.99
CA LEU A 162 9.95 12.98 -5.06
C LEU A 162 11.27 12.44 -5.53
N LEU A 163 12.20 12.19 -4.62
CA LEU A 163 13.47 11.61 -5.00
C LEU A 163 13.44 10.21 -4.41
N ILE A 164 13.55 9.23 -5.31
CA ILE A 164 13.44 7.82 -5.00
C ILE A 164 14.79 7.14 -5.21
N PHE A 165 15.26 6.46 -4.17
CA PHE A 165 16.55 5.79 -4.19
C PHE A 165 16.36 4.27 -4.11
N VAL A 166 17.38 3.51 -4.53
CA VAL A 166 17.34 2.03 -4.52
C VAL A 166 17.12 1.48 -3.10
N SER A 167 17.66 2.20 -2.12
CA SER A 167 17.56 1.82 -0.72
C SER A 167 16.14 1.77 -0.16
N GLY A 168 15.21 2.49 -0.78
CA GLY A 168 13.86 2.54 -0.25
C GLY A 168 13.68 3.85 0.51
N LYS A 169 14.70 4.71 0.48
CA LYS A 169 14.66 6.04 1.10
C LYS A 169 13.95 6.94 0.10
N ILE A 170 13.03 7.78 0.58
CA ILE A 170 12.23 8.65 -0.28
C ILE A 170 12.24 10.08 0.24
N VAL A 171 12.46 11.04 -0.64
CA VAL A 171 12.44 12.45 -0.24
C VAL A 171 11.34 13.08 -1.06
N ILE A 172 10.49 13.86 -0.41
CA ILE A 172 9.36 14.53 -1.03
C ILE A 172 9.53 16.03 -0.78
N THR A 173 9.60 16.81 -1.84
CA THR A 173 9.77 18.23 -1.69
C THR A 173 8.83 19.05 -2.63
N GLY A 174 8.68 20.35 -2.33
CA GLY A 174 7.83 21.19 -3.15
C GLY A 174 6.47 21.52 -2.55
N ALA A 175 6.11 20.86 -1.45
CA ALA A 175 4.81 21.09 -0.81
C ALA A 175 4.71 22.41 -0.06
N LYS A 176 3.50 23.01 -0.10
CA LYS A 176 3.21 24.24 0.63
C LYS A 176 2.24 23.95 1.76
N MET A 177 1.76 22.70 1.83
CA MET A 177 0.85 22.22 2.87
C MET A 177 1.34 20.82 3.16
N ARG A 178 1.36 20.38 4.42
CA ARG A 178 1.86 19.03 4.74
C ARG A 178 1.01 17.86 4.20
N ASP A 179 -0.28 18.11 3.99
CA ASP A 179 -1.14 17.07 3.41
C ASP A 179 -0.73 16.76 1.98
N GLU A 180 -0.05 17.71 1.33
CA GLU A 180 0.44 17.49 -0.03
C GLU A 180 1.59 16.49 0.04
N THR A 181 2.41 16.62 1.07
CA THR A 181 3.54 15.73 1.30
C THR A 181 3.04 14.30 1.59
N TYR A 182 2.02 14.17 2.43
CA TYR A 182 1.49 12.87 2.79
C TYR A 182 0.83 12.17 1.63
N LYS A 183 0.04 12.93 0.86
CA LYS A 183 -0.69 12.42 -0.30
C LYS A 183 0.28 11.97 -1.39
N ALA A 184 1.30 12.78 -1.66
CA ALA A 184 2.31 12.43 -2.67
C ALA A 184 2.86 11.07 -2.30
N PHE A 185 3.16 10.89 -1.03
CA PHE A 185 3.69 9.61 -0.55
C PHE A 185 2.70 8.45 -0.64
N GLU A 186 1.45 8.70 -0.27
CA GLU A 186 0.45 7.65 -0.34
C GLU A 186 0.19 7.33 -1.81
N ASN A 187 0.32 8.34 -2.66
CA ASN A 187 0.13 8.14 -4.09
C ASN A 187 1.26 7.25 -4.65
N ILE A 188 2.48 7.46 -4.16
CA ILE A 188 3.63 6.73 -4.65
C ILE A 188 3.85 5.36 -4.05
N TYR A 189 3.36 5.13 -2.83
CA TYR A 189 3.58 3.87 -2.16
C TYR A 189 3.25 2.62 -2.96
N PRO A 190 2.06 2.57 -3.60
CA PRO A 190 1.72 1.36 -4.39
C PRO A 190 2.62 1.16 -5.62
N VAL A 191 3.13 2.25 -6.17
CA VAL A 191 4.04 2.17 -7.29
C VAL A 191 5.36 1.62 -6.75
N LEU A 192 5.84 2.16 -5.64
CA LEU A 192 7.08 1.64 -5.09
C LEU A 192 7.03 0.11 -4.87
N SER A 193 5.92 -0.38 -4.32
CA SER A 193 5.72 -1.81 -4.05
C SER A 193 5.72 -2.62 -5.33
N GLU A 194 5.18 -2.03 -6.39
CA GLU A 194 5.13 -2.70 -7.66
C GLU A 194 6.53 -2.94 -8.19
N PHE A 195 7.45 -2.04 -7.84
CA PHE A 195 8.83 -2.16 -8.29
C PHE A 195 9.81 -2.51 -7.20
N ARG A 196 9.33 -3.25 -6.21
CA ARG A 196 10.20 -3.69 -5.12
C ARG A 196 11.21 -4.66 -5.73
N LYS A 197 12.47 -4.43 -5.38
CA LYS A 197 13.59 -5.22 -5.87
C LYS A 197 13.68 -6.48 -5.04
N ILE A 198 13.40 -7.62 -5.66
CA ILE A 198 13.46 -8.91 -4.95
C ILE A 198 14.82 -9.56 -5.15
N VAL B 12 -8.04 1.15 0.70
CA VAL B 12 -7.21 -0.09 0.79
C VAL B 12 -6.18 0.08 1.89
N ASP B 13 -6.08 -0.95 2.72
CA ASP B 13 -5.11 -0.96 3.79
C ASP B 13 -3.76 -1.34 3.19
N LEU B 14 -3.03 -0.35 2.65
CA LEU B 14 -1.73 -0.60 2.02
C LEU B 14 -0.69 -1.22 2.95
N SER B 15 -0.98 -1.19 4.25
CA SER B 15 -0.09 -1.78 5.21
C SER B 15 -0.15 -3.30 5.09
N LYS B 16 -1.28 -3.79 4.59
CA LYS B 16 -1.52 -5.22 4.41
C LYS B 16 -1.50 -5.61 2.94
N HIS B 17 -1.77 -4.62 2.11
CA HIS B 17 -1.81 -4.79 0.67
C HIS B 17 -1.01 -3.63 0.06
N PRO B 18 0.34 -3.67 0.17
CA PRO B 18 1.30 -2.67 -0.32
C PRO B 18 1.08 -2.31 -1.79
N SER B 19 0.70 -3.33 -2.58
CA SER B 19 0.40 -3.21 -4.01
C SER B 19 -0.82 -2.31 -4.27
N GLY B 20 -1.68 -2.20 -3.28
CA GLY B 20 -2.88 -1.40 -3.45
C GLY B 20 -3.97 -2.18 -4.13
N ILE B 21 -3.77 -3.51 -4.24
CA ILE B 21 -4.76 -4.40 -4.87
C ILE B 21 -5.16 -5.48 -3.87
N VAL B 22 -6.48 -5.69 -3.71
CA VAL B 22 -6.98 -6.70 -2.80
C VAL B 22 -7.68 -7.84 -3.56
N PRO B 23 -7.11 -9.07 -3.52
CA PRO B 23 -7.71 -10.21 -4.21
C PRO B 23 -9.12 -10.43 -3.71
N THR B 24 -10.07 -10.67 -4.62
CA THR B 24 -11.45 -10.90 -4.24
C THR B 24 -11.64 -12.38 -3.96
N LEU B 25 -12.30 -12.72 -2.84
CA LEU B 25 -12.52 -14.12 -2.56
C LEU B 25 -13.66 -14.61 -3.45
N GLN B 26 -13.47 -15.79 -4.05
CA GLN B 26 -14.42 -16.35 -4.99
C GLN B 26 -15.09 -17.67 -4.60
N ASN B 27 -14.41 -18.47 -3.79
CA ASN B 27 -14.96 -19.76 -3.40
C ASN B 27 -14.30 -20.19 -2.10
N ILE B 28 -15.06 -20.82 -1.22
CA ILE B 28 -14.53 -21.29 0.04
C ILE B 28 -14.96 -22.76 0.17
N VAL B 29 -14.04 -23.63 0.58
CA VAL B 29 -14.36 -25.03 0.83
C VAL B 29 -14.10 -25.22 2.32
N SER B 30 -15.05 -25.80 3.06
CA SER B 30 -14.89 -26.03 4.50
C SER B 30 -15.51 -27.37 4.87
N THR B 31 -15.15 -27.89 6.04
CA THR B 31 -15.69 -29.15 6.54
C THR B 31 -16.12 -29.00 8.00
N VAL B 32 -17.00 -29.89 8.44
CA VAL B 32 -17.47 -29.92 9.82
C VAL B 32 -17.90 -31.35 10.11
N ASN B 33 -17.94 -31.68 11.38
CA ASN B 33 -18.33 -33.01 11.79
C ASN B 33 -19.68 -32.89 12.50
N LEU B 34 -20.74 -33.39 11.87
CA LEU B 34 -22.06 -33.33 12.48
C LEU B 34 -22.02 -34.22 13.72
N ASP B 35 -21.05 -35.11 13.75
CA ASP B 35 -20.83 -35.96 14.89
C ASP B 35 -21.97 -36.93 15.24
N CYS B 36 -22.45 -37.64 14.21
CA CYS B 36 -23.50 -38.64 14.36
C CYS B 36 -23.59 -39.39 13.06
N LYS B 37 -23.87 -40.69 13.14
CA LYS B 37 -24.04 -41.51 11.94
C LYS B 37 -25.29 -40.99 11.21
N LEU B 38 -25.25 -40.98 9.89
CA LEU B 38 -26.38 -40.48 9.11
C LEU B 38 -26.92 -41.54 8.18
N ASP B 39 -28.24 -41.53 8.00
CA ASP B 39 -28.96 -42.45 7.11
C ASP B 39 -29.19 -41.70 5.79
N LEU B 40 -28.28 -41.88 4.83
CA LEU B 40 -28.36 -41.17 3.57
C LEU B 40 -29.59 -41.40 2.67
N LYS B 41 -30.10 -42.62 2.62
CA LYS B 41 -31.28 -42.86 1.79
C LYS B 41 -32.45 -42.10 2.36
N ALA B 42 -32.52 -42.06 3.70
CA ALA B 42 -33.58 -41.36 4.42
C ALA B 42 -33.49 -39.87 4.19
N ILE B 43 -32.28 -39.31 4.28
CA ILE B 43 -32.11 -37.87 4.07
C ILE B 43 -32.55 -37.50 2.67
N ALA B 44 -32.18 -38.33 1.70
CA ALA B 44 -32.52 -38.13 0.30
C ALA B 44 -34.04 -38.26 0.06
N LEU B 45 -34.70 -38.94 0.98
CA LEU B 45 -36.14 -39.12 0.88
C LEU B 45 -36.95 -38.06 1.62
N GLN B 46 -36.47 -37.62 2.79
CA GLN B 46 -37.18 -36.60 3.56
C GLN B 46 -36.86 -35.28 2.90
N ALA B 47 -35.67 -35.24 2.32
CA ALA B 47 -35.21 -34.07 1.57
C ALA B 47 -35.05 -34.63 0.14
N ARG B 48 -36.17 -34.83 -0.55
CA ARG B 48 -36.16 -35.37 -1.92
C ARG B 48 -35.39 -34.42 -2.83
N ASN B 49 -35.18 -33.21 -2.32
CA ASN B 49 -34.44 -32.13 -2.99
C ASN B 49 -32.94 -32.38 -2.88
N ALA B 50 -32.58 -33.36 -2.06
CA ALA B 50 -31.19 -33.74 -1.87
C ALA B 50 -30.94 -34.63 -3.07
N GLU B 51 -29.69 -34.79 -3.46
CA GLU B 51 -29.35 -35.64 -4.61
C GLU B 51 -28.54 -36.78 -4.08
N TYR B 52 -28.83 -37.98 -4.51
CA TYR B 52 -28.11 -39.12 -4.00
C TYR B 52 -28.03 -40.29 -4.96
N ASN B 53 -26.82 -40.68 -5.29
CA ASN B 53 -26.58 -41.80 -6.17
C ASN B 53 -25.30 -42.43 -5.63
N PRO B 54 -25.43 -43.42 -4.74
CA PRO B 54 -24.34 -44.15 -4.12
C PRO B 54 -23.35 -44.61 -5.17
N LYS B 55 -23.89 -45.02 -6.31
CA LYS B 55 -23.09 -45.49 -7.40
C LYS B 55 -22.16 -44.42 -7.95
N ARG B 56 -22.59 -43.16 -7.94
CA ARG B 56 -21.75 -42.10 -8.48
C ARG B 56 -20.81 -41.50 -7.42
N PHE B 57 -21.31 -41.34 -6.21
CA PHE B 57 -20.54 -40.75 -5.11
C PHE B 57 -21.25 -41.13 -3.81
N ALA B 58 -20.47 -41.34 -2.75
CA ALA B 58 -20.98 -41.73 -1.43
C ALA B 58 -21.65 -40.64 -0.55
N ALA B 59 -22.07 -39.53 -1.14
CA ALA B 59 -22.68 -38.46 -0.35
C ALA B 59 -23.99 -37.96 -0.94
N VAL B 60 -24.75 -37.29 -0.08
CA VAL B 60 -25.99 -36.64 -0.47
C VAL B 60 -25.55 -35.23 -0.83
N ILE B 61 -26.04 -34.76 -1.96
CA ILE B 61 -25.72 -33.45 -2.46
C ILE B 61 -26.92 -32.56 -2.19
N MET B 62 -26.68 -31.55 -1.36
CA MET B 62 -27.71 -30.60 -0.94
C MET B 62 -27.27 -29.17 -1.20
N ARG B 63 -28.20 -28.29 -1.51
CA ARG B 63 -27.88 -26.89 -1.79
C ARG B 63 -28.89 -25.96 -1.12
N ILE B 64 -28.47 -24.71 -0.82
CA ILE B 64 -29.35 -23.69 -0.25
C ILE B 64 -29.08 -22.40 -1.01
N ARG B 65 -30.05 -21.48 -1.08
CA ARG B 65 -29.83 -20.22 -1.85
C ARG B 65 -29.04 -19.16 -1.13
N GLU B 66 -29.15 -19.12 0.19
CA GLU B 66 -28.46 -18.11 0.97
C GLU B 66 -27.87 -18.62 2.26
N PRO B 67 -26.53 -18.61 2.36
CA PRO B 67 -25.64 -18.16 1.27
C PRO B 67 -25.60 -19.27 0.19
N LYS B 68 -25.46 -18.90 -1.07
CA LYS B 68 -25.43 -19.86 -2.16
C LYS B 68 -24.24 -20.84 -2.00
N THR B 69 -24.54 -22.10 -1.74
CA THR B 69 -23.51 -23.10 -1.54
C THR B 69 -24.04 -24.50 -1.82
N THR B 70 -23.12 -25.46 -1.86
CA THR B 70 -23.44 -26.86 -2.07
C THR B 70 -22.75 -27.64 -0.95
N ALA B 71 -23.47 -28.55 -0.31
CA ALA B 71 -22.87 -29.37 0.74
C ALA B 71 -22.87 -30.82 0.31
N LEU B 72 -21.88 -31.54 0.80
CA LEU B 72 -21.74 -32.95 0.49
C LEU B 72 -21.86 -33.56 1.88
N ILE B 73 -22.93 -34.31 2.09
CA ILE B 73 -23.22 -34.93 3.37
C ILE B 73 -22.93 -36.42 3.31
N PHE B 74 -22.06 -36.88 4.22
CA PHE B 74 -21.60 -38.28 4.29
C PHE B 74 -22.20 -39.09 5.46
N ALA B 75 -22.36 -40.39 5.25
CA ALA B 75 -22.93 -41.28 6.26
C ALA B 75 -22.17 -41.21 7.57
N SER B 76 -20.89 -40.90 7.47
CA SER B 76 -20.02 -40.77 8.64
C SER B 76 -20.42 -39.57 9.48
N GLY B 77 -21.20 -38.67 8.91
CA GLY B 77 -21.59 -37.49 9.65
C GLY B 77 -20.73 -36.31 9.25
N LYS B 78 -19.68 -36.58 8.47
CA LYS B 78 -18.81 -35.52 7.99
C LYS B 78 -19.56 -34.76 6.88
N MET B 79 -19.18 -33.50 6.72
CA MET B 79 -19.81 -32.63 5.73
C MET B 79 -18.80 -31.64 5.13
N VAL B 80 -18.89 -31.46 3.82
CA VAL B 80 -18.06 -30.51 3.09
C VAL B 80 -19.02 -29.45 2.55
N CYS B 81 -18.70 -28.17 2.75
CA CYS B 81 -19.50 -27.05 2.27
C CYS B 81 -18.65 -26.33 1.24
N THR B 82 -19.21 -26.09 0.05
CA THR B 82 -18.51 -25.44 -1.06
C THR B 82 -19.29 -24.28 -1.64
N GLY B 83 -18.63 -23.34 -2.30
CA GLY B 83 -19.35 -22.23 -2.93
C GLY B 83 -19.48 -20.85 -2.28
N ALA B 84 -19.33 -20.76 -0.97
CA ALA B 84 -19.46 -19.49 -0.29
C ALA B 84 -18.38 -18.50 -0.75
N LYS B 85 -18.65 -17.22 -0.56
CA LYS B 85 -17.69 -16.18 -0.94
C LYS B 85 -16.80 -15.69 0.22
N SER B 86 -16.98 -16.26 1.42
CA SER B 86 -16.15 -15.87 2.54
C SER B 86 -16.21 -16.94 3.61
N GLU B 87 -15.28 -16.89 4.55
CA GLU B 87 -15.19 -17.84 5.63
C GLU B 87 -16.44 -17.80 6.47
N ASP B 88 -16.92 -16.59 6.76
CA ASP B 88 -18.15 -16.37 7.54
C ASP B 88 -19.35 -16.97 6.84
N PHE B 89 -19.53 -16.65 5.57
CA PHE B 89 -20.63 -17.20 4.80
C PHE B 89 -20.62 -18.73 4.72
N SER B 90 -19.42 -19.30 4.62
CA SER B 90 -19.26 -20.74 4.57
C SER B 90 -19.72 -21.38 5.90
N LYS B 91 -19.30 -20.80 7.02
CA LYS B 91 -19.70 -21.36 8.32
C LYS B 91 -21.20 -21.23 8.54
N MET B 92 -21.77 -20.10 8.07
CA MET B 92 -23.21 -19.82 8.16
C MET B 92 -23.96 -20.89 7.40
N ALA B 93 -23.53 -21.13 6.16
CA ALA B 93 -24.12 -22.15 5.29
C ALA B 93 -24.00 -23.53 5.96
N ALA B 94 -22.83 -23.83 6.50
CA ALA B 94 -22.62 -25.10 7.17
C ALA B 94 -23.57 -25.28 8.36
N ARG B 95 -23.82 -24.19 9.11
CA ARG B 95 -24.73 -24.23 10.26
C ARG B 95 -26.15 -24.49 9.80
N LYS B 96 -26.52 -23.96 8.62
CA LYS B 96 -27.84 -24.17 8.06
C LYS B 96 -28.09 -25.61 7.64
N TYR B 97 -27.11 -26.25 6.99
CA TYR B 97 -27.26 -27.65 6.57
C TYR B 97 -27.40 -28.53 7.81
N ALA B 98 -26.59 -28.23 8.83
CA ALA B 98 -26.60 -28.98 10.08
C ALA B 98 -27.98 -28.96 10.72
N ARG B 99 -28.66 -27.83 10.58
CA ARG B 99 -29.99 -27.66 11.13
C ARG B 99 -31.01 -28.42 10.30
N ILE B 100 -30.78 -28.44 8.99
CA ILE B 100 -31.64 -29.14 8.05
C ILE B 100 -31.61 -30.61 8.47
N VAL B 101 -30.40 -31.12 8.70
CA VAL B 101 -30.20 -32.51 9.11
C VAL B 101 -30.90 -32.77 10.45
N GLN B 102 -30.74 -31.83 11.39
CA GLN B 102 -31.36 -31.93 12.73
C GLN B 102 -32.87 -32.05 12.61
N LYS B 103 -33.46 -31.17 11.81
CA LYS B 103 -34.89 -31.20 11.61
C LYS B 103 -35.29 -32.48 10.91
N LEU B 104 -34.36 -33.07 10.20
CA LEU B 104 -34.61 -34.33 9.52
C LEU B 104 -34.68 -35.47 10.54
N GLY B 105 -34.41 -35.17 11.80
CA GLY B 105 -34.48 -36.17 12.85
C GLY B 105 -33.16 -36.73 13.32
N PHE B 106 -32.05 -36.04 13.07
CA PHE B 106 -30.76 -36.55 13.54
C PHE B 106 -30.17 -35.59 14.56
N PRO B 107 -29.45 -36.12 15.56
CA PRO B 107 -28.79 -35.37 16.64
C PRO B 107 -27.52 -34.63 16.21
N ALA B 108 -27.60 -33.87 15.11
CA ALA B 108 -26.43 -33.17 14.58
C ALA B 108 -25.79 -32.07 15.45
N LYS B 109 -24.48 -32.17 15.62
CA LYS B 109 -23.71 -31.19 16.39
C LYS B 109 -23.01 -30.32 15.33
N PHE B 110 -21.94 -29.67 15.71
CA PHE B 110 -21.20 -28.85 14.77
C PHE B 110 -19.77 -28.81 15.29
N LYS B 111 -19.12 -29.95 15.16
CA LYS B 111 -17.76 -30.12 15.65
C LYS B 111 -16.65 -29.82 14.64
N ASP B 112 -15.58 -29.24 15.17
CA ASP B 112 -14.38 -28.93 14.40
C ASP B 112 -14.54 -28.31 13.02
N PHE B 113 -15.36 -27.29 12.91
CA PHE B 113 -15.53 -26.64 11.63
C PHE B 113 -14.16 -26.12 11.18
N LYS B 114 -13.77 -26.37 9.93
CA LYS B 114 -12.48 -25.92 9.45
C LYS B 114 -12.49 -25.45 8.01
N ILE B 115 -11.87 -24.29 7.76
CA ILE B 115 -11.74 -23.76 6.39
C ILE B 115 -10.61 -24.59 5.76
N GLN B 116 -10.93 -25.25 4.63
CA GLN B 116 -9.97 -26.12 3.98
C GLN B 116 -9.34 -25.55 2.73
N ASN B 117 -10.02 -24.65 2.06
CA ASN B 117 -9.48 -24.07 0.85
C ASN B 117 -10.17 -22.75 0.53
N ILE B 118 -9.38 -21.77 0.13
CA ILE B 118 -9.88 -20.44 -0.22
C ILE B 118 -9.37 -20.14 -1.61
N VAL B 119 -10.28 -19.68 -2.48
CA VAL B 119 -9.94 -19.30 -3.85
C VAL B 119 -10.17 -17.78 -4.00
N GLY B 120 -9.17 -17.08 -4.53
CA GLY B 120 -9.30 -15.65 -4.76
C GLY B 120 -8.78 -15.29 -6.13
N SER B 121 -9.09 -14.10 -6.60
CA SER B 121 -8.62 -13.66 -7.91
C SER B 121 -8.48 -12.14 -7.97
N CYS B 122 -7.66 -11.64 -8.88
CA CYS B 122 -7.49 -10.20 -9.04
C CYS B 122 -6.93 -9.87 -10.41
N ASP B 123 -6.68 -8.60 -10.65
CA ASP B 123 -6.20 -8.15 -11.93
C ASP B 123 -5.09 -7.14 -11.69
N VAL B 124 -3.90 -7.39 -12.24
CA VAL B 124 -2.77 -6.47 -12.07
C VAL B 124 -2.77 -5.27 -13.01
N LYS B 125 -3.70 -5.25 -13.95
CA LYS B 125 -3.87 -4.15 -14.91
C LYS B 125 -2.79 -3.93 -15.98
N PHE B 126 -2.03 -4.98 -16.27
CA PHE B 126 -1.01 -4.94 -17.31
C PHE B 126 -0.83 -6.39 -17.79
N PRO B 127 -0.67 -6.56 -19.12
CA PRO B 127 -0.49 -7.89 -19.73
C PRO B 127 0.82 -8.49 -19.28
N ILE B 128 0.91 -9.81 -19.31
CA ILE B 128 2.12 -10.49 -18.84
C ILE B 128 2.82 -11.42 -19.82
N ARG B 129 4.14 -11.26 -19.94
CA ARG B 129 4.97 -12.13 -20.78
C ARG B 129 5.21 -13.41 -19.98
N LEU B 130 4.29 -14.36 -20.10
CA LEU B 130 4.35 -15.62 -19.37
C LEU B 130 5.60 -16.44 -19.66
N GLU B 131 6.02 -16.49 -20.94
CA GLU B 131 7.19 -17.26 -21.34
C GLU B 131 8.43 -16.80 -20.58
N GLY B 132 8.59 -15.50 -20.41
CA GLY B 132 9.73 -14.97 -19.68
C GLY B 132 9.70 -15.27 -18.19
N LEU B 133 8.49 -15.29 -17.64
CA LEU B 133 8.29 -15.57 -16.24
C LEU B 133 8.68 -17.01 -15.97
N ALA B 134 8.19 -17.91 -16.80
CA ALA B 134 8.45 -19.35 -16.67
C ALA B 134 9.93 -19.69 -16.80
N TYR B 135 10.59 -19.03 -17.73
CA TYR B 135 12.01 -19.25 -17.98
C TYR B 135 12.88 -18.85 -16.79
N SER B 136 12.58 -17.70 -16.20
CA SER B 136 13.36 -17.20 -15.06
C SER B 136 12.90 -17.77 -13.74
N HIS B 137 11.76 -18.46 -13.76
CA HIS B 137 11.19 -19.08 -12.56
C HIS B 137 10.81 -20.55 -12.80
N ALA B 138 11.67 -21.24 -13.55
CA ALA B 138 11.49 -22.64 -13.93
C ALA B 138 11.13 -23.60 -12.80
N ALA B 139 11.68 -23.38 -11.62
CA ALA B 139 11.41 -24.26 -10.48
C ALA B 139 10.04 -24.09 -9.83
N PHE B 140 9.30 -23.06 -10.25
CA PHE B 140 7.98 -22.78 -9.70
C PHE B 140 6.93 -22.82 -10.78
N SER B 141 7.39 -22.61 -12.01
CA SER B 141 6.53 -22.55 -13.17
C SER B 141 6.27 -23.83 -13.98
N SER B 142 5.14 -23.81 -14.67
CA SER B 142 4.70 -24.87 -15.55
C SER B 142 3.85 -24.11 -16.54
N TYR B 143 4.38 -23.90 -17.73
CA TYR B 143 3.66 -23.18 -18.76
C TYR B 143 3.70 -23.93 -20.08
N GLU B 144 2.58 -24.55 -20.41
CA GLU B 144 2.41 -25.30 -21.62
C GLU B 144 1.11 -24.78 -22.23
N PRO B 145 1.18 -23.65 -22.97
CA PRO B 145 0.01 -23.05 -23.61
C PRO B 145 -0.84 -23.96 -24.51
N GLU B 146 -0.25 -25.04 -25.04
CA GLU B 146 -1.01 -25.97 -25.90
C GLU B 146 -1.95 -26.84 -25.07
N LEU B 147 -1.64 -26.95 -23.79
CA LEU B 147 -2.46 -27.71 -22.88
C LEU B 147 -3.41 -26.74 -22.15
N PHE B 148 -2.83 -25.74 -21.48
CA PHE B 148 -3.57 -24.75 -20.72
C PHE B 148 -3.01 -23.34 -20.99
N PRO B 149 -3.87 -22.34 -21.21
CA PRO B 149 -3.40 -20.98 -21.49
C PRO B 149 -2.73 -20.22 -20.34
N GLY B 150 -2.87 -20.70 -19.11
CA GLY B 150 -2.27 -19.98 -18.02
C GLY B 150 -1.03 -20.63 -17.49
N LEU B 151 -0.20 -19.84 -16.85
CA LEU B 151 1.03 -20.35 -16.24
C LEU B 151 0.71 -20.78 -14.80
N ILE B 152 1.16 -21.98 -14.43
CA ILE B 152 0.92 -22.49 -13.11
C ILE B 152 2.16 -22.19 -12.29
N TYR B 153 1.98 -21.41 -11.23
CA TYR B 153 3.05 -21.00 -10.33
C TYR B 153 2.89 -21.65 -8.97
N ARG B 154 3.79 -22.57 -8.66
CA ARG B 154 3.75 -23.25 -7.39
C ARG B 154 4.68 -22.56 -6.36
N MET B 155 4.08 -21.67 -5.57
CA MET B 155 4.81 -20.91 -4.55
C MET B 155 5.00 -21.79 -3.33
N LYS B 156 6.19 -21.70 -2.76
CA LYS B 156 6.53 -22.50 -1.58
C LYS B 156 6.28 -21.78 -0.26
N VAL B 157 6.42 -20.47 -0.24
CA VAL B 157 6.15 -19.69 0.99
C VAL B 157 5.33 -18.45 0.64
N PRO B 158 4.02 -18.49 0.94
CA PRO B 158 3.25 -19.58 1.55
C PRO B 158 3.00 -20.67 0.48
N LYS B 159 2.67 -21.91 0.86
CA LYS B 159 2.46 -22.95 -0.16
C LYS B 159 1.15 -22.68 -0.89
N ILE B 160 1.21 -21.89 -1.95
CA ILE B 160 0.05 -21.49 -2.71
C ILE B 160 0.28 -21.71 -4.20
N VAL B 161 -0.77 -21.99 -4.94
CA VAL B 161 -0.68 -22.17 -6.38
C VAL B 161 -1.32 -20.95 -7.07
N LEU B 162 -0.61 -20.33 -8.01
CA LEU B 162 -1.14 -19.17 -8.72
C LEU B 162 -1.31 -19.52 -10.18
N LEU B 163 -2.41 -19.13 -10.79
CA LEU B 163 -2.69 -19.36 -12.20
C LEU B 163 -2.58 -17.96 -12.78
N ILE B 164 -1.52 -17.73 -13.55
CA ILE B 164 -1.23 -16.42 -14.12
C ILE B 164 -1.58 -16.40 -15.61
N PHE B 165 -2.25 -15.34 -16.05
CA PHE B 165 -2.69 -15.24 -17.45
C PHE B 165 -2.12 -14.02 -18.16
N VAL B 166 -2.04 -14.12 -19.48
CA VAL B 166 -1.48 -13.05 -20.32
C VAL B 166 -2.19 -11.72 -20.06
N SER B 167 -3.50 -11.78 -19.85
CA SER B 167 -4.31 -10.59 -19.62
C SER B 167 -3.95 -9.81 -18.38
N GLY B 168 -3.31 -10.46 -17.42
CA GLY B 168 -2.97 -9.80 -16.18
C GLY B 168 -3.87 -10.30 -15.08
N LYS B 169 -4.84 -11.16 -15.40
CA LYS B 169 -5.74 -11.71 -14.39
C LYS B 169 -4.94 -12.78 -13.64
N ILE B 170 -5.20 -12.93 -12.33
CA ILE B 170 -4.48 -13.91 -11.51
C ILE B 170 -5.47 -14.67 -10.62
N VAL B 171 -5.35 -15.99 -10.55
CA VAL B 171 -6.20 -16.78 -9.66
C VAL B 171 -5.25 -17.35 -8.62
N ILE B 172 -5.65 -17.37 -7.36
CA ILE B 172 -4.77 -17.85 -6.29
C ILE B 172 -5.55 -18.86 -5.50
N THR B 173 -5.03 -20.08 -5.37
CA THR B 173 -5.76 -21.10 -4.66
C THR B 173 -4.90 -21.94 -3.72
N GLY B 174 -5.52 -22.63 -2.77
CA GLY B 174 -4.76 -23.47 -1.85
C GLY B 174 -4.63 -22.94 -0.43
N ALA B 175 -5.13 -21.72 -0.18
CA ALA B 175 -5.02 -21.12 1.14
C ALA B 175 -6.03 -21.59 2.15
N LYS B 176 -5.57 -21.70 3.40
CA LYS B 176 -6.46 -22.07 4.48
C LYS B 176 -6.85 -20.83 5.35
N MET B 177 -6.13 -19.72 5.15
CA MET B 177 -6.38 -18.47 5.86
C MET B 177 -6.26 -17.43 4.77
N ARG B 178 -7.11 -16.42 4.76
CA ARG B 178 -7.07 -15.40 3.71
C ARG B 178 -5.75 -14.66 3.64
N ASP B 179 -5.05 -14.55 4.76
CA ASP B 179 -3.78 -13.85 4.73
C ASP B 179 -2.72 -14.53 3.83
N GLU B 180 -2.85 -15.84 3.63
CA GLU B 180 -1.93 -16.60 2.74
C GLU B 180 -2.25 -16.23 1.27
N THR B 181 -3.54 -16.01 0.96
CA THR B 181 -3.98 -15.59 -0.36
C THR B 181 -3.35 -14.24 -0.66
N TYR B 182 -3.39 -13.37 0.35
CA TYR B 182 -2.85 -12.02 0.25
C TYR B 182 -1.33 -11.98 0.15
N LYS B 183 -0.68 -12.81 0.97
CA LYS B 183 0.78 -12.90 0.98
C LYS B 183 1.29 -13.42 -0.37
N ALA B 184 0.63 -14.46 -0.88
CA ALA B 184 0.98 -15.04 -2.17
C ALA B 184 0.90 -13.94 -3.23
N PHE B 185 -0.19 -13.18 -3.24
CA PHE B 185 -0.31 -12.10 -4.20
C PHE B 185 0.74 -11.01 -4.05
N GLU B 186 1.03 -10.60 -2.82
CA GLU B 186 2.02 -9.54 -2.60
C GLU B 186 3.43 -10.01 -2.98
N ASN B 187 3.65 -11.32 -2.85
CA ASN B 187 4.92 -11.91 -3.21
C ASN B 187 5.07 -11.96 -4.73
N ILE B 188 4.02 -12.32 -5.44
CA ILE B 188 4.16 -12.40 -6.89
C ILE B 188 4.13 -11.10 -7.65
N TYR B 189 3.47 -10.10 -7.09
CA TYR B 189 3.30 -8.82 -7.74
C TYR B 189 4.57 -8.15 -8.30
N PRO B 190 5.60 -7.94 -7.46
CA PRO B 190 6.82 -7.31 -7.98
C PRO B 190 7.59 -8.17 -9.00
N VAL B 191 7.28 -9.46 -9.08
CA VAL B 191 7.92 -10.37 -10.04
C VAL B 191 7.21 -10.12 -11.37
N LEU B 192 5.89 -10.07 -11.33
CA LEU B 192 5.09 -9.84 -12.53
C LEU B 192 5.40 -8.51 -13.18
N SER B 193 5.62 -7.47 -12.39
CA SER B 193 5.90 -6.15 -12.96
C SER B 193 7.14 -6.23 -13.82
N GLU B 194 7.99 -7.21 -13.49
CA GLU B 194 9.22 -7.42 -14.19
C GLU B 194 9.04 -8.07 -15.55
N PHE B 195 7.89 -8.72 -15.77
CA PHE B 195 7.63 -9.38 -17.06
C PHE B 195 6.43 -8.84 -17.76
N ARG B 196 6.22 -7.54 -17.61
CA ARG B 196 5.10 -6.89 -18.25
C ARG B 196 5.36 -6.92 -19.76
N LYS B 197 4.30 -6.93 -20.55
CA LYS B 197 4.43 -6.94 -22.01
C LYS B 197 4.58 -5.53 -22.56
#